data_2Z52
#
_entry.id   2Z52
#
_cell.length_a   46.086
_cell.length_b   116.287
_cell.length_c   128.411
_cell.angle_alpha   90.00
_cell.angle_beta   90.00
_cell.angle_gamma   90.00
#
_symmetry.space_group_name_H-M   'P 21 21 21'
#
loop_
_entity.id
_entity.type
_entity.pdbx_description
1 polymer 'Geranylgeranyl pyrophosphate synthetase'
2 non-polymer 'MAGNESIUM ION'
3 non-polymer '(1-HYDROXYDODECANE-1,1-DIYL)BIS(PHOSPHONIC ACID)'
4 water water
#
_entity_poly.entity_id   1
_entity_poly.type   'polypeptide(L)'
_entity_poly.pdbx_seq_one_letter_code
;MTKNKMEAKIDELINNDPVWSSQNESLISKPYNHILLKPGKNFRLNLIVQINRVMNLPKDQLAIVSQIVELLHNSSLLID
DIEDNAPLRRGQTTSHLIFGVPSTINTANYMYFRAMQLVSQLTTKEPLYHNLITIFNEELINLHRGQGLDIYWRDFLPEI
IPTQEMYLNMVMNKTGGLFRLTLRLMEALSPSSHHGHSLVPFINLLGIIYQIRDDYLNLKDFQMSSEKGFAEDITEGKLS
FPIVHALNFTKTKGQTEQHNEILRILLLRTSDKDIKLKLIQILEFDTNSLAYTKNFINQLVNMIKNDNENKYLPDLASHS
DTATNLHDELLYIIDHLSEL
;
_entity_poly.pdbx_strand_id   A,B
#
# COMPACT_ATOMS: atom_id res chain seq x y z
N ASN A 4 -23.17 19.82 -27.28
CA ASN A 4 -23.38 18.46 -27.89
C ASN A 4 -22.11 17.70 -28.28
N LYS A 5 -21.04 18.40 -28.70
CA LYS A 5 -19.79 17.70 -29.04
C LYS A 5 -19.10 17.22 -27.75
N MET A 6 -19.27 18.02 -26.69
CA MET A 6 -18.72 17.71 -25.38
C MET A 6 -19.51 16.49 -24.87
N GLU A 7 -20.83 16.55 -24.96
CA GLU A 7 -21.72 15.46 -24.56
C GLU A 7 -21.38 14.13 -25.26
N ALA A 8 -21.11 14.21 -26.55
CA ALA A 8 -20.77 13.05 -27.34
C ALA A 8 -19.46 12.55 -26.79
N LYS A 9 -18.55 13.48 -26.52
CA LYS A 9 -17.25 13.13 -25.98
C LYS A 9 -17.43 12.48 -24.63
N ILE A 10 -18.15 13.15 -23.72
CA ILE A 10 -18.38 12.58 -22.40
C ILE A 10 -19.10 11.22 -22.52
N ASP A 11 -20.06 11.13 -23.43
CA ASP A 11 -20.78 9.87 -23.61
C ASP A 11 -19.87 8.74 -24.02
N GLU A 12 -18.98 8.97 -24.96
CA GLU A 12 -18.06 7.89 -25.40
C GLU A 12 -17.16 7.52 -24.20
N LEU A 13 -16.67 8.54 -23.49
CA LEU A 13 -15.80 8.32 -22.34
C LEU A 13 -16.36 7.33 -21.27
N ILE A 14 -17.56 7.67 -20.74
CA ILE A 14 -18.22 6.89 -19.70
C ILE A 14 -18.78 5.52 -20.14
N ASN A 15 -18.86 5.30 -21.44
CA ASN A 15 -19.35 4.02 -21.93
C ASN A 15 -18.24 3.11 -22.34
N ASN A 16 -17.01 3.49 -21.97
CA ASN A 16 -15.83 2.67 -22.24
C ASN A 16 -14.97 2.46 -21.00
N ASP A 17 -14.08 1.49 -21.10
CA ASP A 17 -13.16 1.21 -20.00
C ASP A 17 -12.23 2.40 -19.86
N PRO A 18 -11.72 2.63 -18.66
CA PRO A 18 -10.81 3.78 -18.56
C PRO A 18 -9.65 3.61 -19.55
N VAL A 19 -9.19 4.70 -20.16
CA VAL A 19 -8.06 4.62 -21.10
C VAL A 19 -6.73 4.55 -20.33
N TRP A 20 -5.86 3.62 -20.71
CA TRP A 20 -4.55 3.51 -20.07
C TRP A 20 -3.54 3.07 -21.14
N SER A 21 -2.55 3.90 -21.46
CA SER A 21 -1.53 3.61 -22.48
C SER A 21 -0.31 2.90 -21.92
N SER A 22 0.46 2.32 -22.83
CA SER A 22 1.68 1.66 -22.40
C SER A 22 2.68 2.77 -21.93
N GLN A 23 2.60 3.99 -22.48
CA GLN A 23 3.47 5.06 -22.03
C GLN A 23 3.12 5.40 -20.55
N ASN A 24 1.82 5.38 -20.21
CA ASN A 24 1.33 5.63 -18.85
C ASN A 24 1.95 4.55 -17.93
N GLU A 25 1.87 3.31 -18.38
CA GLU A 25 2.38 2.14 -17.63
C GLU A 25 3.85 2.36 -17.33
N SER A 26 4.63 2.72 -18.35
CA SER A 26 6.07 2.97 -18.15
C SER A 26 6.32 4.08 -17.11
N LEU A 27 5.72 5.26 -17.32
CA LEU A 27 5.91 6.35 -16.38
C LEU A 27 5.64 5.94 -14.93
N ILE A 28 4.53 5.26 -14.63
CA ILE A 28 4.34 4.98 -13.22
C ILE A 28 5.16 3.79 -12.69
N SER A 29 5.87 3.09 -13.60
CA SER A 29 6.69 1.92 -13.21
C SER A 29 8.10 2.30 -12.83
N LYS A 30 8.48 3.58 -13.01
CA LYS A 30 9.85 4.01 -12.70
C LYS A 30 10.47 3.51 -11.34
N PRO A 31 9.74 3.71 -10.21
CA PRO A 31 10.25 3.27 -8.89
C PRO A 31 10.53 1.77 -8.84
N TYR A 32 9.64 1.00 -9.48
CA TYR A 32 9.82 -0.43 -9.53
C TYR A 32 10.98 -0.80 -10.49
N ASN A 33 11.02 -0.24 -11.70
CA ASN A 33 12.13 -0.57 -12.59
C ASN A 33 13.51 -0.26 -11.96
N HIS A 34 13.58 0.81 -11.18
CA HIS A 34 14.83 1.19 -10.52
C HIS A 34 15.31 0.05 -9.61
N ILE A 35 14.45 -0.55 -8.80
CA ILE A 35 14.97 -1.60 -7.90
C ILE A 35 15.32 -2.86 -8.68
N LEU A 36 14.74 -3.03 -9.86
CA LEU A 36 15.05 -4.20 -10.69
C LEU A 36 16.51 -4.24 -11.14
N LEU A 37 17.17 -3.08 -11.28
CA LEU A 37 18.59 -3.08 -11.68
C LEU A 37 19.43 -3.69 -10.56
N LYS A 38 18.83 -4.50 -9.71
CA LYS A 38 19.52 -5.10 -8.59
C LYS A 38 19.27 -6.61 -8.55
N PRO A 39 20.20 -7.40 -7.98
CA PRO A 39 20.05 -8.85 -7.88
C PRO A 39 19.34 -9.29 -6.57
N LEU A 45 15.09 -17.74 -6.13
CA LEU A 45 14.63 -18.63 -7.25
C LEU A 45 15.26 -19.99 -7.08
N ASN A 46 16.49 -20.02 -6.59
CA ASN A 46 17.15 -21.29 -6.35
C ASN A 46 16.47 -22.04 -5.20
N LEU A 47 15.94 -21.31 -4.21
CA LEU A 47 15.23 -21.93 -3.08
C LEU A 47 13.89 -22.47 -3.59
N ILE A 48 13.29 -21.72 -4.52
CA ILE A 48 12.05 -22.11 -5.13
C ILE A 48 12.29 -23.41 -5.90
N VAL A 49 13.42 -23.48 -6.60
CA VAL A 49 13.75 -24.64 -7.37
C VAL A 49 13.91 -25.89 -6.52
N GLN A 50 14.62 -25.76 -5.40
CA GLN A 50 14.82 -26.91 -4.51
C GLN A 50 13.47 -27.38 -3.98
N ILE A 51 12.68 -26.47 -3.42
CA ILE A 51 11.39 -26.89 -2.95
C ILE A 51 10.65 -27.67 -4.06
N ASN A 52 10.83 -27.28 -5.32
CA ASN A 52 10.08 -27.97 -6.38
C ASN A 52 10.44 -29.44 -6.67
N ARG A 53 11.62 -29.88 -6.23
CA ARG A 53 12.00 -31.28 -6.39
C ARG A 53 10.96 -32.04 -5.59
N VAL A 54 10.52 -31.45 -4.48
CA VAL A 54 9.49 -32.08 -3.66
C VAL A 54 8.05 -31.90 -4.19
N MET A 55 7.72 -30.68 -4.63
CA MET A 55 6.37 -30.39 -5.09
C MET A 55 6.08 -30.75 -6.56
N ASN A 56 7.11 -30.77 -7.41
CA ASN A 56 6.93 -31.13 -8.82
C ASN A 56 5.87 -30.35 -9.59
N LEU A 57 5.88 -29.01 -9.48
CA LEU A 57 4.93 -28.26 -10.29
C LEU A 57 5.63 -28.25 -11.67
N PRO A 58 4.87 -28.17 -12.76
CA PRO A 58 5.59 -28.14 -14.03
C PRO A 58 6.31 -26.78 -14.09
N LYS A 59 7.36 -26.67 -14.91
CA LYS A 59 8.13 -25.44 -14.99
C LYS A 59 7.40 -24.17 -15.35
N ASP A 60 6.43 -24.23 -16.26
CA ASP A 60 5.74 -23.01 -16.61
C ASP A 60 4.92 -22.45 -15.44
N GLN A 61 4.41 -23.33 -14.60
CA GLN A 61 3.60 -22.89 -13.47
C GLN A 61 4.55 -22.36 -12.38
N LEU A 62 5.68 -23.02 -12.20
CA LEU A 62 6.65 -22.60 -11.21
C LEU A 62 7.12 -21.18 -11.53
N ALA A 63 7.39 -20.92 -12.81
CA ALA A 63 7.83 -19.60 -13.27
C ALA A 63 6.80 -18.55 -12.87
N ILE A 64 5.52 -18.86 -12.95
CA ILE A 64 4.52 -17.87 -12.55
C ILE A 64 4.51 -17.65 -11.01
N VAL A 65 4.71 -18.74 -10.26
CA VAL A 65 4.76 -18.60 -8.81
C VAL A 65 5.97 -17.72 -8.51
N SER A 66 7.06 -17.95 -9.19
CA SER A 66 8.27 -17.20 -8.92
C SER A 66 8.10 -15.71 -9.27
N GLN A 67 7.44 -15.42 -10.39
CA GLN A 67 7.16 -14.03 -10.79
C GLN A 67 6.28 -13.32 -9.73
N ILE A 68 5.28 -14.03 -9.20
CA ILE A 68 4.42 -13.45 -8.15
C ILE A 68 5.25 -13.11 -6.92
N VAL A 69 6.07 -14.06 -6.47
CA VAL A 69 6.85 -13.81 -5.27
C VAL A 69 7.89 -12.70 -5.45
N GLU A 70 8.48 -12.56 -6.63
CA GLU A 70 9.45 -11.48 -6.87
C GLU A 70 8.75 -10.11 -6.89
N LEU A 71 7.58 -10.03 -7.49
CA LEU A 71 6.86 -8.79 -7.53
C LEU A 71 6.52 -8.34 -6.10
N LEU A 72 5.99 -9.26 -5.29
CA LEU A 72 5.60 -8.94 -3.91
C LEU A 72 6.85 -8.60 -3.14
N HIS A 73 7.90 -9.37 -3.40
CA HIS A 73 9.14 -9.12 -2.68
C HIS A 73 9.75 -7.75 -3.02
N ASN A 74 9.94 -7.47 -4.30
CA ASN A 74 10.54 -6.22 -4.69
C ASN A 74 9.72 -5.00 -4.22
N SER A 75 8.41 -5.11 -4.37
CA SER A 75 7.43 -4.09 -3.96
C SER A 75 7.54 -3.82 -2.48
N SER A 76 7.65 -4.89 -1.73
CA SER A 76 7.84 -4.84 -0.26
C SER A 76 9.01 -4.00 0.14
N LEU A 77 10.11 -4.18 -0.57
CA LEU A 77 11.34 -3.46 -0.26
C LEU A 77 11.17 -1.96 -0.50
N LEU A 78 10.47 -1.59 -1.57
CA LEU A 78 10.24 -0.17 -1.89
C LEU A 78 9.52 0.48 -0.70
N ILE A 79 8.46 -0.17 -0.21
CA ILE A 79 7.69 0.42 0.90
C ILE A 79 8.50 0.35 2.19
N ASP A 80 9.13 -0.79 2.46
CA ASP A 80 9.91 -0.95 3.67
C ASP A 80 11.02 0.11 3.79
N ASP A 81 11.63 0.45 2.66
CA ASP A 81 12.70 1.46 2.66
C ASP A 81 12.17 2.86 2.98
N ILE A 82 10.92 3.11 2.62
CA ILE A 82 10.33 4.39 3.00
C ILE A 82 10.09 4.30 4.52
N GLU A 83 9.50 3.19 4.95
CA GLU A 83 9.13 3.03 6.36
C GLU A 83 10.34 3.06 7.27
N ASP A 84 11.50 2.64 6.76
CA ASP A 84 12.77 2.56 7.54
C ASP A 84 13.72 3.72 7.25
N ASN A 85 13.26 4.67 6.44
CA ASN A 85 14.03 5.83 6.09
C ASN A 85 15.39 5.37 5.58
N ALA A 86 15.41 4.35 4.70
CA ALA A 86 16.67 3.83 4.19
C ALA A 86 17.21 4.61 3.00
N PRO A 87 18.51 4.95 3.05
CA PRO A 87 19.16 5.69 1.97
C PRO A 87 19.71 4.79 0.81
N LEU A 88 19.90 3.52 1.10
CA LEU A 88 20.50 2.57 0.16
C LEU A 88 19.82 1.22 0.15
N ARG A 89 19.80 0.57 -1.01
CA ARG A 89 19.21 -0.76 -1.18
C ARG A 89 20.01 -1.39 -2.33
N ARG A 90 20.56 -2.59 -2.10
CA ARG A 90 21.32 -3.32 -3.12
C ARG A 90 22.43 -2.43 -3.73
N GLY A 91 23.12 -1.70 -2.85
CA GLY A 91 24.22 -0.81 -3.25
C GLY A 91 23.86 0.47 -4.01
N GLN A 92 22.57 0.82 -4.09
CA GLN A 92 22.23 2.04 -4.77
C GLN A 92 21.21 2.90 -4.01
N THR A 93 20.99 4.11 -4.48
CA THR A 93 20.05 5.01 -3.86
C THR A 93 18.63 4.41 -3.89
N THR A 94 17.93 4.49 -2.78
CA THR A 94 16.56 3.97 -2.70
C THR A 94 15.61 4.74 -3.63
N SER A 95 14.61 4.04 -4.17
CA SER A 95 13.71 4.69 -5.11
C SER A 95 13.00 5.94 -4.58
N HIS A 96 12.60 5.91 -3.30
CA HIS A 96 11.88 7.06 -2.79
C HIS A 96 12.73 8.36 -2.75
N LEU A 97 14.06 8.23 -2.66
CA LEU A 97 14.92 9.42 -2.65
C LEU A 97 15.04 9.96 -4.07
N ILE A 98 14.81 9.10 -5.05
CA ILE A 98 14.90 9.51 -6.45
C ILE A 98 13.58 10.01 -7.00
N PHE A 99 12.54 9.20 -6.90
CA PHE A 99 11.23 9.57 -7.48
C PHE A 99 10.25 10.17 -6.50
N GLY A 100 10.62 10.19 -5.22
CA GLY A 100 9.81 10.76 -4.17
C GLY A 100 8.99 9.70 -3.47
N VAL A 101 8.69 9.96 -2.20
CA VAL A 101 7.86 9.04 -1.45
C VAL A 101 6.48 8.79 -2.12
N PRO A 102 5.80 9.86 -2.56
CA PRO A 102 4.47 9.64 -3.19
C PRO A 102 4.37 8.60 -4.29
N SER A 103 5.21 8.74 -5.32
CA SER A 103 5.17 7.80 -6.45
C SER A 103 5.63 6.44 -6.03
N THR A 104 6.55 6.40 -5.06
CA THR A 104 7.10 5.11 -4.68
C THR A 104 6.04 4.31 -3.92
N ILE A 105 5.28 4.97 -3.05
CA ILE A 105 4.22 4.26 -2.33
C ILE A 105 3.19 3.77 -3.35
N ASN A 106 2.74 4.66 -4.23
CA ASN A 106 1.69 4.25 -5.17
C ASN A 106 2.10 3.09 -6.11
N THR A 107 3.29 3.19 -6.68
CA THR A 107 3.80 2.15 -7.54
C THR A 107 3.96 0.82 -6.84
N ALA A 108 4.56 0.85 -5.65
CA ALA A 108 4.72 -0.37 -4.89
C ALA A 108 3.34 -1.00 -4.62
N ASN A 109 2.39 -0.20 -4.14
CA ASN A 109 1.07 -0.73 -3.84
C ASN A 109 0.44 -1.23 -5.13
N TYR A 110 0.66 -0.50 -6.22
CA TYR A 110 0.10 -0.92 -7.54
C TYR A 110 0.61 -2.35 -7.88
N MET A 111 1.88 -2.60 -7.66
CA MET A 111 2.44 -3.89 -7.99
C MET A 111 1.87 -5.01 -7.09
N TYR A 112 1.42 -4.68 -5.88
CA TYR A 112 0.79 -5.70 -5.02
C TYR A 112 -0.40 -6.28 -5.81
N PHE A 113 -1.17 -5.41 -6.47
CA PHE A 113 -2.35 -5.88 -7.20
C PHE A 113 -2.02 -6.50 -8.55
N ARG A 114 -0.87 -6.12 -9.15
CA ARG A 114 -0.45 -6.75 -10.40
C ARG A 114 -0.09 -8.17 -9.99
N ALA A 115 0.63 -8.33 -8.87
CA ALA A 115 0.97 -9.68 -8.40
C ALA A 115 -0.34 -10.50 -8.18
N MET A 116 -1.29 -9.84 -7.55
CA MET A 116 -2.57 -10.49 -7.29
C MET A 116 -3.20 -11.01 -8.58
N GLN A 117 -3.18 -10.18 -9.62
CA GLN A 117 -3.75 -10.54 -10.93
C GLN A 117 -3.05 -11.76 -11.57
N LEU A 118 -1.74 -11.90 -11.38
CA LEU A 118 -1.02 -13.07 -11.90
C LEU A 118 -1.50 -14.41 -11.30
N VAL A 119 -2.15 -14.37 -10.14
CA VAL A 119 -2.62 -15.62 -9.54
C VAL A 119 -3.59 -16.36 -10.46
N SER A 120 -4.41 -15.61 -11.19
CA SER A 120 -5.40 -16.23 -12.08
C SER A 120 -4.69 -16.99 -13.21
N GLN A 121 -3.43 -16.67 -13.50
CA GLN A 121 -2.74 -17.42 -14.53
C GLN A 121 -2.27 -18.78 -14.02
N LEU A 122 -2.43 -19.10 -12.73
CA LEU A 122 -1.91 -20.38 -12.28
C LEU A 122 -2.86 -21.50 -12.58
N THR A 123 -4.11 -21.18 -12.90
CA THR A 123 -5.09 -22.25 -13.11
C THR A 123 -6.43 -21.72 -13.62
N THR A 124 -7.23 -22.61 -14.22
CA THR A 124 -8.57 -22.30 -14.76
C THR A 124 -9.64 -22.91 -13.85
N LYS A 125 -9.19 -23.77 -12.92
CA LYS A 125 -10.07 -24.47 -11.97
C LYS A 125 -10.51 -23.54 -10.82
N GLU A 126 -11.79 -23.16 -10.81
CA GLU A 126 -12.35 -22.23 -9.82
C GLU A 126 -12.05 -22.54 -8.36
N PRO A 127 -12.26 -23.80 -7.93
CA PRO A 127 -12.04 -24.28 -6.55
C PRO A 127 -10.58 -24.00 -6.11
N LEU A 128 -9.66 -24.44 -6.97
CA LEU A 128 -8.24 -24.25 -6.73
C LEU A 128 -7.89 -22.76 -6.70
N TYR A 129 -8.39 -21.98 -7.66
CA TYR A 129 -8.13 -20.57 -7.74
C TYR A 129 -8.50 -19.90 -6.40
N HIS A 130 -9.67 -20.25 -5.91
CA HIS A 130 -10.19 -19.72 -4.66
C HIS A 130 -9.17 -20.01 -3.53
N ASN A 131 -8.62 -21.22 -3.50
CA ASN A 131 -7.66 -21.53 -2.47
C ASN A 131 -6.35 -20.71 -2.66
N LEU A 132 -5.89 -20.53 -3.91
CA LEU A 132 -4.66 -19.78 -4.15
C LEU A 132 -4.83 -18.31 -3.69
N ILE A 133 -6.00 -17.73 -3.93
CA ILE A 133 -6.26 -16.35 -3.52
C ILE A 133 -6.32 -16.19 -2.00
N THR A 134 -6.89 -17.17 -1.34
CA THR A 134 -7.01 -17.18 0.12
C THR A 134 -5.61 -17.23 0.74
N ILE A 135 -4.74 -18.05 0.20
CA ILE A 135 -3.39 -18.13 0.68
C ILE A 135 -2.73 -16.74 0.51
N PHE A 136 -2.85 -16.19 -0.72
CA PHE A 136 -2.29 -14.91 -1.07
C PHE A 136 -2.80 -13.89 -0.04
N ASN A 137 -4.11 -13.86 0.13
CA ASN A 137 -4.74 -12.88 1.03
C ASN A 137 -4.26 -13.05 2.50
N GLU A 138 -4.23 -14.30 2.98
CA GLU A 138 -3.80 -14.56 4.34
C GLU A 138 -2.37 -14.16 4.62
N GLU A 139 -1.44 -14.55 3.74
CA GLU A 139 -0.05 -14.17 4.04
C GLU A 139 0.22 -12.66 3.85
N LEU A 140 -0.51 -11.98 2.94
CA LEU A 140 -0.34 -10.52 2.82
C LEU A 140 -0.85 -9.93 4.16
N ILE A 141 -1.92 -10.50 4.73
CA ILE A 141 -2.42 -9.98 6.00
C ILE A 141 -1.36 -10.19 7.08
N ASN A 142 -0.79 -11.38 7.16
CA ASN A 142 0.23 -11.68 8.16
C ASN A 142 1.47 -10.77 8.02
N LEU A 143 1.93 -10.59 6.79
CA LEU A 143 3.07 -9.73 6.52
C LEU A 143 2.87 -8.31 7.09
N HIS A 144 1.71 -7.72 6.83
CA HIS A 144 1.43 -6.36 7.28
C HIS A 144 1.27 -6.33 8.84
N ARG A 145 0.73 -7.42 9.42
CA ARG A 145 0.61 -7.47 10.88
C ARG A 145 2.02 -7.45 11.50
N GLY A 146 2.91 -8.32 11.03
CA GLY A 146 4.23 -8.34 11.62
C GLY A 146 4.97 -7.02 11.36
N GLN A 147 4.86 -6.52 10.13
CA GLN A 147 5.54 -5.26 9.77
C GLN A 147 4.98 -4.13 10.67
N GLY A 148 3.67 -4.19 10.92
CA GLY A 148 3.00 -3.18 11.72
C GLY A 148 3.58 -3.11 13.12
N LEU A 149 3.87 -4.29 13.68
CA LEU A 149 4.46 -4.39 15.02
C LEU A 149 5.90 -3.93 15.05
N ASP A 150 6.69 -4.37 14.09
CA ASP A 150 8.08 -3.96 14.08
C ASP A 150 8.20 -2.41 14.02
N ILE A 151 7.34 -1.76 13.21
CA ILE A 151 7.34 -0.33 13.07
C ILE A 151 6.80 0.34 14.37
N TYR A 152 5.73 -0.21 14.93
CA TYR A 152 5.13 0.39 16.13
C TYR A 152 6.18 0.39 17.28
N TRP A 153 6.71 -0.79 17.57
CA TRP A 153 7.71 -0.88 18.63
C TRP A 153 8.85 0.12 18.47
N ARG A 154 9.35 0.21 17.24
CA ARG A 154 10.43 1.11 16.90
C ARG A 154 10.07 2.59 17.03
N ASP A 155 9.01 3.02 16.37
CA ASP A 155 8.64 4.41 16.39
C ASP A 155 8.08 4.96 17.69
N PHE A 156 7.56 4.10 18.57
CA PHE A 156 6.99 4.49 19.87
C PHE A 156 7.80 4.08 21.09
N LEU A 157 9.00 3.57 20.82
CA LEU A 157 9.90 3.13 21.86
C LEU A 157 10.07 4.32 22.82
N PRO A 158 10.14 4.09 24.14
CA PRO A 158 10.06 2.85 24.88
C PRO A 158 8.71 2.43 25.37
N GLU A 159 7.64 2.86 24.68
CA GLU A 159 6.29 2.44 25.12
C GLU A 159 6.23 0.89 25.26
N ILE A 160 6.78 0.18 24.30
CA ILE A 160 6.80 -1.27 24.39
C ILE A 160 8.19 -1.81 24.14
N ILE A 161 8.65 -2.60 25.09
CA ILE A 161 9.94 -3.27 25.03
C ILE A 161 9.52 -4.73 24.77
N PRO A 162 9.70 -5.20 23.54
CA PRO A 162 9.30 -6.59 23.29
C PRO A 162 10.17 -7.62 23.97
N THR A 163 9.58 -8.75 24.36
CA THR A 163 10.34 -9.85 24.89
C THR A 163 10.80 -10.66 23.67
N GLN A 164 11.65 -11.65 23.90
CA GLN A 164 12.11 -12.53 22.84
C GLN A 164 10.89 -13.23 22.23
N GLU A 165 9.93 -13.68 23.06
CA GLU A 165 8.75 -14.36 22.52
C GLU A 165 7.95 -13.43 21.59
N MET A 166 7.77 -12.17 21.98
CA MET A 166 7.04 -11.21 21.17
C MET A 166 7.78 -10.96 19.85
N TYR A 167 9.11 -10.85 19.93
CA TYR A 167 9.90 -10.64 18.70
C TYR A 167 9.70 -11.85 17.76
N LEU A 168 9.78 -13.05 18.31
CA LEU A 168 9.61 -14.26 17.49
C LEU A 168 8.18 -14.33 16.87
N ASN A 169 7.16 -13.89 17.60
CA ASN A 169 5.85 -13.92 16.99
C ASN A 169 5.76 -12.89 15.87
N MET A 170 6.40 -11.72 16.07
CA MET A 170 6.37 -10.68 15.04
C MET A 170 7.07 -11.22 13.77
N VAL A 171 8.21 -11.86 13.97
CA VAL A 171 8.95 -12.46 12.85
C VAL A 171 8.16 -13.58 12.09
N MET A 172 7.45 -14.41 12.85
CA MET A 172 6.62 -15.47 12.25
C MET A 172 5.63 -14.77 11.26
N ASN A 173 5.17 -13.58 11.62
CA ASN A 173 4.25 -12.84 10.75
C ASN A 173 5.00 -12.17 9.60
N LYS A 174 5.94 -11.31 9.96
CA LYS A 174 6.72 -10.52 9.01
C LYS A 174 7.65 -11.25 8.06
N THR A 175 8.49 -12.15 8.58
CA THR A 175 9.38 -12.89 7.72
C THR A 175 8.78 -14.20 7.25
N GLY A 176 8.04 -14.88 8.13
CA GLY A 176 7.38 -16.13 7.76
C GLY A 176 6.36 -15.94 6.65
N GLY A 177 5.65 -14.82 6.66
CA GLY A 177 4.64 -14.52 5.65
C GLY A 177 5.04 -14.78 4.19
N LEU A 178 6.21 -14.30 3.78
CA LEU A 178 6.71 -14.49 2.41
C LEU A 178 7.17 -15.94 2.14
N PHE A 179 7.86 -16.53 3.12
CA PHE A 179 8.31 -17.92 3.00
C PHE A 179 7.06 -18.83 2.87
N ARG A 180 6.07 -18.64 3.74
CA ARG A 180 4.85 -19.50 3.70
C ARG A 180 4.05 -19.19 2.44
N LEU A 181 3.98 -17.92 2.05
CA LEU A 181 3.22 -17.62 0.85
C LEU A 181 3.77 -18.49 -0.32
N THR A 182 5.08 -18.46 -0.55
CA THR A 182 5.69 -19.26 -1.62
C THR A 182 5.39 -20.76 -1.50
N LEU A 183 5.66 -21.29 -0.30
CA LEU A 183 5.51 -22.71 -0.04
C LEU A 183 4.07 -23.14 -0.11
N ARG A 184 3.18 -22.41 0.56
CA ARG A 184 1.78 -22.78 0.50
C ARG A 184 1.18 -22.78 -0.90
N LEU A 185 1.60 -21.86 -1.78
CA LEU A 185 1.08 -21.83 -3.16
C LEU A 185 1.57 -23.08 -3.86
N MET A 186 2.85 -23.43 -3.67
CA MET A 186 3.43 -24.63 -4.27
C MET A 186 2.75 -25.94 -3.76
N GLU A 187 2.52 -26.04 -2.44
CA GLU A 187 1.86 -27.21 -1.94
C GLU A 187 0.43 -27.31 -2.46
N ALA A 188 -0.24 -26.18 -2.71
CA ALA A 188 -1.60 -26.24 -3.23
C ALA A 188 -1.59 -26.63 -4.71
N LEU A 189 -0.55 -26.26 -5.42
CA LEU A 189 -0.48 -26.56 -6.84
C LEU A 189 0.12 -27.95 -7.10
N SER A 190 0.80 -28.51 -6.12
CA SER A 190 1.46 -29.80 -6.29
C SER A 190 0.59 -30.92 -6.80
N PRO A 191 0.96 -31.51 -7.96
CA PRO A 191 0.18 -32.62 -8.52
C PRO A 191 0.48 -33.88 -7.70
N SER A 192 1.66 -33.93 -7.06
CA SER A 192 2.05 -35.09 -6.23
C SER A 192 1.27 -35.17 -4.90
N HIS A 195 3.88 -36.53 -1.16
CA HIS A 195 5.20 -35.80 -1.03
C HIS A 195 5.59 -35.53 0.43
N GLY A 196 5.16 -36.42 1.32
CA GLY A 196 5.46 -36.30 2.75
C GLY A 196 4.58 -35.32 3.51
N HIS A 197 5.04 -34.93 4.70
CA HIS A 197 4.32 -33.99 5.57
C HIS A 197 4.48 -32.56 4.99
N SER A 198 3.58 -31.64 5.36
CA SER A 198 3.68 -30.23 4.89
C SER A 198 5.01 -29.64 5.36
N LEU A 199 5.65 -28.84 4.53
CA LEU A 199 6.92 -28.20 4.88
C LEU A 199 6.74 -26.80 5.54
N VAL A 200 5.51 -26.46 5.92
CA VAL A 200 5.30 -25.13 6.55
C VAL A 200 6.23 -24.94 7.79
N PRO A 201 6.19 -25.91 8.76
CA PRO A 201 7.03 -25.82 9.97
C PRO A 201 8.46 -25.54 9.60
N PHE A 202 8.98 -26.30 8.64
CA PHE A 202 10.34 -26.08 8.17
C PHE A 202 10.54 -24.70 7.56
N ILE A 203 9.63 -24.28 6.68
CA ILE A 203 9.80 -22.95 6.08
C ILE A 203 9.65 -21.84 7.17
N ASN A 204 8.83 -22.07 8.19
CA ASN A 204 8.69 -21.13 9.32
C ASN A 204 10.04 -21.00 10.03
N LEU A 205 10.70 -22.14 10.26
CA LEU A 205 12.00 -22.13 10.95
C LEU A 205 13.06 -21.48 10.07
N LEU A 206 13.02 -21.75 8.77
CA LEU A 206 13.97 -21.13 7.86
C LEU A 206 13.84 -19.60 7.90
N GLY A 207 12.62 -19.09 7.92
CA GLY A 207 12.43 -17.64 7.95
C GLY A 207 12.92 -16.99 9.25
N ILE A 208 12.86 -17.70 10.36
CA ILE A 208 13.31 -17.18 11.67
C ILE A 208 14.85 -17.11 11.67
N ILE A 209 15.47 -18.20 11.21
CA ILE A 209 16.91 -18.27 11.14
C ILE A 209 17.35 -17.14 10.24
N TYR A 210 16.64 -16.97 9.13
CA TYR A 210 16.98 -15.94 8.14
C TYR A 210 16.93 -14.52 8.74
N GLN A 211 15.83 -14.24 9.42
CA GLN A 211 15.65 -12.94 10.03
C GLN A 211 16.67 -12.68 11.16
N ILE A 212 16.85 -13.61 12.06
CA ILE A 212 17.78 -13.36 13.14
C ILE A 212 19.23 -13.24 12.62
N ARG A 213 19.58 -14.08 11.63
CA ARG A 213 20.93 -14.02 11.03
C ARG A 213 21.11 -12.63 10.40
N ASP A 214 20.05 -12.15 9.79
CA ASP A 214 20.00 -10.82 9.19
C ASP A 214 20.32 -9.72 10.25
N ASP A 215 19.53 -9.72 11.32
CA ASP A 215 19.72 -8.76 12.41
C ASP A 215 21.17 -8.88 12.93
N TYR A 216 21.65 -10.12 13.04
CA TYR A 216 22.98 -10.39 13.58
C TYR A 216 24.08 -9.84 12.72
N LEU A 217 24.05 -10.16 11.43
CA LEU A 217 25.12 -9.69 10.53
C LEU A 217 25.15 -8.18 10.38
N ASN A 218 23.99 -7.58 10.45
CA ASN A 218 23.89 -6.15 10.38
C ASN A 218 24.88 -5.49 11.37
N LEU A 219 24.99 -6.02 12.59
CA LEU A 219 25.89 -5.44 13.59
C LEU A 219 27.32 -5.98 13.48
N LYS A 220 27.41 -7.30 13.27
CA LYS A 220 28.69 -8.02 13.18
C LYS A 220 29.50 -7.54 11.98
N ASP A 221 28.87 -7.40 10.82
CA ASP A 221 29.63 -6.89 9.68
C ASP A 221 30.27 -5.52 9.98
N PHE A 222 29.52 -4.64 10.66
CA PHE A 222 30.02 -3.31 11.03
C PHE A 222 31.11 -3.42 12.10
N GLN A 223 30.90 -4.28 13.07
CA GLN A 223 31.86 -4.45 14.15
C GLN A 223 33.21 -4.95 13.62
N PHE A 230 27.19 -1.09 7.39
CA PHE A 230 27.04 0.18 8.13
C PHE A 230 26.15 0.14 9.38
N ALA A 231 25.83 -1.05 9.84
CA ALA A 231 24.96 -1.23 11.01
C ALA A 231 23.81 -0.27 10.86
N GLU A 232 23.22 -0.19 9.67
CA GLU A 232 22.06 0.71 9.48
C GLU A 232 20.87 0.35 10.39
N ASP A 233 20.79 -0.87 10.91
CA ASP A 233 19.64 -1.12 11.82
C ASP A 233 19.69 -0.22 13.08
N ILE A 234 20.86 0.22 13.49
CA ILE A 234 20.93 1.09 14.67
C ILE A 234 20.40 2.49 14.32
N THR A 235 20.77 2.98 13.14
CA THR A 235 20.34 4.30 12.65
C THR A 235 18.81 4.24 12.54
N GLU A 236 18.30 3.06 12.15
CA GLU A 236 16.87 2.90 12.03
C GLU A 236 16.16 2.83 13.40
N GLY A 237 16.84 2.33 14.44
CA GLY A 237 16.22 2.26 15.79
C GLY A 237 15.41 0.97 16.02
N LYS A 238 15.57 0.06 15.07
CA LYS A 238 14.91 -1.26 15.01
C LYS A 238 15.13 -2.12 16.26
N LEU A 239 14.04 -2.76 16.72
CA LEU A 239 14.13 -3.69 17.84
C LEU A 239 14.60 -5.03 17.24
N SER A 240 15.89 -5.10 16.87
CA SER A 240 16.44 -6.34 16.30
C SER A 240 16.53 -7.45 17.39
N PHE A 241 16.80 -8.67 16.98
CA PHE A 241 16.93 -9.76 17.94
C PHE A 241 18.04 -9.45 19.00
N PRO A 242 19.26 -9.03 18.56
CA PRO A 242 20.30 -8.73 19.58
C PRO A 242 19.88 -7.55 20.50
N ILE A 243 19.17 -6.56 19.95
CA ILE A 243 18.70 -5.43 20.76
C ILE A 243 17.61 -5.85 21.77
N VAL A 244 16.71 -6.72 21.34
CA VAL A 244 15.64 -7.24 22.24
C VAL A 244 16.34 -8.03 23.38
N HIS A 245 17.31 -8.88 23.06
CA HIS A 245 18.02 -9.57 24.14
C HIS A 245 18.69 -8.56 25.11
N ALA A 246 19.45 -7.60 24.57
CA ALA A 246 20.13 -6.64 25.42
C ALA A 246 19.15 -5.83 26.32
N LEU A 247 18.03 -5.37 25.76
CA LEU A 247 17.10 -4.58 26.58
C LEU A 247 16.49 -5.46 27.70
N ASN A 248 16.16 -6.71 27.38
CA ASN A 248 15.63 -7.59 28.43
C ASN A 248 16.73 -8.04 29.44
N PHE A 249 17.93 -8.32 28.93
CA PHE A 249 19.05 -8.70 29.77
C PHE A 249 19.33 -7.58 30.80
N THR A 250 19.48 -6.32 30.34
CA THR A 250 19.75 -5.20 31.23
C THR A 250 18.62 -4.95 32.25
N LYS A 251 17.36 -5.04 31.83
CA LYS A 251 16.26 -4.86 32.77
C LYS A 251 16.31 -5.97 33.82
N THR A 252 16.55 -7.22 33.37
CA THR A 252 16.57 -8.35 34.29
C THR A 252 17.73 -8.32 35.29
N LYS A 253 18.89 -7.84 34.84
CA LYS A 253 20.07 -7.76 35.70
C LYS A 253 20.18 -6.43 36.45
N GLY A 254 19.17 -5.57 36.35
CA GLY A 254 19.23 -4.29 37.04
C GLY A 254 20.26 -3.30 36.46
N GLN A 255 20.67 -3.49 35.21
CA GLN A 255 21.59 -2.55 34.60
C GLN A 255 20.80 -1.38 34.08
N THR A 256 20.30 -0.55 35.00
CA THR A 256 19.50 0.59 34.62
C THR A 256 20.14 1.56 33.60
N GLU A 257 21.37 1.97 33.86
CA GLU A 257 22.05 2.91 32.99
C GLU A 257 22.24 2.38 31.56
N GLN A 258 22.77 1.18 31.48
CA GLN A 258 22.99 0.55 30.17
C GLN A 258 21.61 0.40 29.42
N HIS A 259 20.55 0.00 30.14
CA HIS A 259 19.23 -0.18 29.51
C HIS A 259 18.86 1.17 28.89
N ASN A 260 18.89 2.21 29.73
CA ASN A 260 18.58 3.56 29.28
C ASN A 260 19.48 4.08 28.15
N GLU A 261 20.77 3.74 28.17
CA GLU A 261 21.67 4.22 27.09
C GLU A 261 21.32 3.51 25.75
N ILE A 262 20.98 2.24 25.83
CA ILE A 262 20.60 1.49 24.64
C ILE A 262 19.37 2.19 24.03
N LEU A 263 18.39 2.51 24.88
CA LEU A 263 17.21 3.20 24.40
C LEU A 263 17.57 4.54 23.79
N ARG A 264 18.42 5.28 24.50
CA ARG A 264 18.80 6.61 24.02
C ARG A 264 19.49 6.53 22.67
N ILE A 265 20.40 5.59 22.51
CA ILE A 265 21.09 5.54 21.23
C ILE A 265 20.12 5.20 20.09
N LEU A 266 19.22 4.25 20.32
CA LEU A 266 18.26 3.86 19.29
C LEU A 266 17.41 5.06 18.88
N LEU A 267 16.98 5.83 19.87
CA LEU A 267 16.13 6.98 19.60
C LEU A 267 16.87 8.17 18.95
N LEU A 268 18.20 8.15 18.91
CA LEU A 268 18.90 9.24 18.21
C LEU A 268 18.73 9.08 16.66
N ARG A 269 18.51 7.86 16.16
CA ARG A 269 18.44 7.64 14.72
C ARG A 269 19.77 8.25 14.18
N THR A 270 20.91 7.85 14.75
CA THR A 270 22.19 8.44 14.38
C THR A 270 23.00 7.70 13.31
N SER A 271 23.74 8.43 12.51
CA SER A 271 24.59 7.74 11.56
C SER A 271 26.03 7.89 12.08
N ASP A 272 26.22 8.42 13.29
CA ASP A 272 27.62 8.53 13.77
C ASP A 272 28.24 7.13 14.00
N LYS A 273 29.35 6.88 13.33
CA LYS A 273 30.03 5.56 13.39
C LYS A 273 30.50 5.16 14.76
N ASP A 274 31.05 6.11 15.50
CA ASP A 274 31.54 5.81 16.86
C ASP A 274 30.40 5.54 17.79
N ILE A 275 29.32 6.30 17.64
CA ILE A 275 28.14 6.03 18.51
C ILE A 275 27.58 4.62 18.23
N LYS A 276 27.49 4.21 16.96
CA LYS A 276 27.00 2.86 16.63
C LYS A 276 27.95 1.78 17.13
N LEU A 277 29.26 2.03 17.05
CA LEU A 277 30.24 1.06 17.51
C LEU A 277 30.13 1.00 19.06
N LYS A 278 29.91 2.13 19.75
CA LYS A 278 29.74 2.01 21.22
C LYS A 278 28.60 1.02 21.57
N LEU A 279 27.46 1.18 20.88
CA LEU A 279 26.29 0.37 21.15
C LEU A 279 26.61 -1.09 20.83
N ILE A 280 27.30 -1.32 19.72
CA ILE A 280 27.64 -2.70 19.40
C ILE A 280 28.56 -3.28 20.45
N GLN A 281 29.54 -2.52 20.97
CA GLN A 281 30.44 -3.09 21.98
C GLN A 281 29.72 -3.26 23.33
N ILE A 282 28.65 -2.54 23.54
CA ILE A 282 27.87 -2.75 24.77
C ILE A 282 27.24 -4.16 24.60
N LEU A 283 26.70 -4.45 23.41
CA LEU A 283 26.09 -5.76 23.16
C LEU A 283 27.16 -6.88 23.17
N GLU A 284 28.37 -6.55 22.78
CA GLU A 284 29.47 -7.51 22.74
C GLU A 284 29.95 -7.92 24.16
N PHE A 285 30.38 -6.93 24.95
CA PHE A 285 30.95 -7.15 26.29
C PHE A 285 30.06 -6.96 27.54
N ASP A 286 29.03 -6.14 27.46
CA ASP A 286 28.23 -5.88 28.64
C ASP A 286 27.03 -6.79 28.75
N THR A 287 26.31 -7.01 27.66
CA THR A 287 25.12 -7.84 27.70
C THR A 287 25.36 -9.22 27.07
N ASN A 288 26.43 -9.36 26.29
CA ASN A 288 26.75 -10.60 25.58
C ASN A 288 25.66 -11.05 24.63
N SER A 289 24.97 -10.05 24.07
CA SER A 289 23.90 -10.26 23.16
C SER A 289 24.39 -10.79 21.82
N LEU A 290 25.60 -10.41 21.39
CA LEU A 290 26.08 -10.95 20.09
C LEU A 290 26.39 -12.47 20.21
N ALA A 291 27.02 -12.87 21.30
CA ALA A 291 27.34 -14.30 21.48
C ALA A 291 26.01 -15.07 21.67
N TYR A 292 25.11 -14.50 22.46
CA TYR A 292 23.81 -15.10 22.68
C TYR A 292 23.09 -15.36 21.35
N THR A 293 23.14 -14.40 20.44
CA THR A 293 22.43 -14.51 19.16
C THR A 293 23.12 -15.55 18.25
N LYS A 294 24.44 -15.49 18.21
CA LYS A 294 25.19 -16.45 17.41
C LYS A 294 24.88 -17.89 17.87
N ASN A 295 24.85 -18.13 19.17
CA ASN A 295 24.52 -19.46 19.69
C ASN A 295 23.05 -19.79 19.41
N PHE A 296 22.17 -18.78 19.48
CA PHE A 296 20.74 -19.04 19.25
C PHE A 296 20.61 -19.50 17.78
N ILE A 297 21.26 -18.80 16.86
CA ILE A 297 21.21 -19.15 15.46
C ILE A 297 21.70 -20.59 15.25
N ASN A 298 22.83 -20.94 15.88
CA ASN A 298 23.38 -22.28 15.78
C ASN A 298 22.38 -23.35 16.24
N GLN A 299 21.74 -23.11 17.38
CA GLN A 299 20.78 -24.05 17.90
C GLN A 299 19.63 -24.25 16.93
N LEU A 300 19.17 -23.18 16.28
CA LEU A 300 18.08 -23.28 15.29
C LEU A 300 18.51 -24.16 14.06
N VAL A 301 19.68 -23.85 13.52
CA VAL A 301 20.28 -24.57 12.40
C VAL A 301 20.45 -26.03 12.80
N ASN A 302 20.92 -26.27 14.01
CA ASN A 302 21.07 -27.65 14.49
C ASN A 302 19.74 -28.36 14.61
N MET A 303 18.68 -27.65 14.98
CA MET A 303 17.37 -28.30 15.07
C MET A 303 17.07 -28.97 13.72
N ILE A 304 17.58 -28.38 12.64
CA ILE A 304 17.35 -28.94 11.34
C ILE A 304 18.43 -29.93 10.97
N LYS A 305 19.68 -29.47 10.89
CA LYS A 305 20.82 -30.34 10.57
C LYS A 305 20.78 -31.63 11.39
N ASN A 306 20.25 -31.56 12.60
CA ASN A 306 20.16 -32.74 13.44
C ASN A 306 18.71 -33.19 13.51
N ASP A 307 18.19 -33.58 12.35
CA ASP A 307 16.81 -34.01 12.19
C ASP A 307 16.65 -34.96 11.00
N ASN A 310 13.70 -37.25 9.32
CA ASN A 310 13.12 -36.09 8.57
C ASN A 310 11.79 -35.61 9.15
N LYS A 311 11.83 -34.97 10.31
CA LYS A 311 10.64 -34.45 11.00
C LYS A 311 10.27 -33.07 10.47
N TYR A 312 11.27 -32.33 10.01
CA TYR A 312 11.07 -30.99 9.47
C TYR A 312 11.30 -31.06 7.96
N LEU A 313 12.49 -31.51 7.57
CA LEU A 313 12.89 -31.66 6.16
C LEU A 313 12.05 -32.70 5.41
N PRO A 314 12.09 -32.67 4.07
CA PRO A 314 11.35 -33.60 3.19
C PRO A 314 11.86 -35.03 3.29
N ASN B 4 17.22 -27.93 24.81
CA ASN B 4 16.01 -28.63 25.38
C ASN B 4 14.77 -27.76 25.33
N LYS B 5 14.66 -26.89 26.33
CA LYS B 5 13.51 -26.00 26.44
C LYS B 5 13.36 -25.01 25.28
N MET B 6 14.49 -24.48 24.81
CA MET B 6 14.51 -23.52 23.71
C MET B 6 13.98 -24.20 22.46
N GLU B 7 14.46 -25.41 22.20
CA GLU B 7 14.00 -26.14 21.02
C GLU B 7 12.53 -26.53 21.14
N ALA B 8 12.09 -26.78 22.37
CA ALA B 8 10.69 -27.15 22.58
C ALA B 8 9.83 -25.93 22.28
N LYS B 9 10.31 -24.76 22.68
CA LYS B 9 9.55 -23.54 22.43
C LYS B 9 9.53 -23.22 20.92
N ILE B 10 10.65 -23.42 20.25
CA ILE B 10 10.68 -23.20 18.81
C ILE B 10 9.74 -24.17 18.10
N ASP B 11 9.74 -25.42 18.53
CA ASP B 11 8.89 -26.41 17.89
C ASP B 11 7.41 -26.04 18.00
N GLU B 12 6.98 -25.60 19.17
CA GLU B 12 5.59 -25.22 19.32
C GLU B 12 5.26 -24.02 18.42
N LEU B 13 6.22 -23.08 18.32
CA LEU B 13 6.06 -21.87 17.54
C LEU B 13 5.87 -22.16 16.03
N ILE B 14 6.75 -22.97 15.44
CA ILE B 14 6.67 -23.21 13.99
C ILE B 14 5.53 -24.16 13.55
N ASN B 15 5.01 -24.94 14.49
CA ASN B 15 3.93 -25.85 14.16
C ASN B 15 2.62 -25.20 14.33
N ASN B 16 2.62 -23.94 14.71
CA ASN B 16 1.38 -23.24 14.86
C ASN B 16 1.28 -22.04 13.91
N ASP B 17 0.05 -21.57 13.77
CA ASP B 17 -0.26 -20.39 13.00
C ASP B 17 0.48 -19.26 13.70
N PRO B 18 0.79 -18.18 12.99
CA PRO B 18 1.50 -17.08 13.66
C PRO B 18 0.61 -16.49 14.77
N VAL B 19 1.21 -16.16 15.90
CA VAL B 19 0.48 -15.63 17.01
C VAL B 19 0.12 -14.17 16.76
N TRP B 20 -1.16 -13.83 16.91
CA TRP B 20 -1.69 -12.48 16.73
C TRP B 20 -2.91 -12.20 17.64
N SER B 21 -2.75 -11.23 18.56
CA SER B 21 -3.78 -10.88 19.54
C SER B 21 -4.68 -9.73 19.18
N SER B 22 -5.74 -9.55 19.97
CA SER B 22 -6.67 -8.44 19.73
C SER B 22 -5.98 -7.13 20.13
N GLN B 23 -5.06 -7.20 21.09
CA GLN B 23 -4.27 -6.04 21.49
C GLN B 23 -3.34 -5.63 20.30
N ASN B 24 -2.74 -6.61 19.63
CA ASN B 24 -1.89 -6.36 18.46
C ASN B 24 -2.75 -5.70 17.40
N GLU B 25 -3.95 -6.23 17.18
CA GLU B 25 -4.87 -5.67 16.17
C GLU B 25 -5.16 -4.21 16.50
N SER B 26 -5.36 -3.93 17.79
CA SER B 26 -5.63 -2.56 18.21
C SER B 26 -4.46 -1.64 17.93
N LEU B 27 -3.24 -2.08 18.20
CA LEU B 27 -2.09 -1.21 17.95
C LEU B 27 -2.00 -0.83 16.48
N ILE B 28 -2.15 -1.84 15.65
CA ILE B 28 -2.04 -1.66 14.22
C ILE B 28 -3.21 -0.87 13.65
N SER B 29 -4.35 -0.85 14.33
CA SER B 29 -5.47 -0.11 13.77
C SER B 29 -5.53 1.36 14.09
N LYS B 30 -4.64 1.80 14.98
CA LYS B 30 -4.66 3.19 15.46
C LYS B 30 -4.79 4.26 14.40
N PRO B 31 -3.91 4.21 13.36
CA PRO B 31 -4.00 5.25 12.31
C PRO B 31 -5.36 5.23 11.64
N TYR B 32 -5.96 4.04 11.55
CA TYR B 32 -7.25 3.88 10.85
C TYR B 32 -8.41 4.40 11.72
N ASN B 33 -8.40 3.97 12.98
CA ASN B 33 -9.43 4.39 13.90
C ASN B 33 -9.45 5.87 13.95
N HIS B 34 -8.26 6.49 13.88
CA HIS B 34 -8.20 7.97 13.93
C HIS B 34 -9.05 8.67 12.85
N ILE B 35 -9.06 8.14 11.63
CA ILE B 35 -9.81 8.79 10.62
C ILE B 35 -11.31 8.46 10.73
N LEU B 36 -11.64 7.44 11.52
CA LEU B 36 -13.05 7.03 11.68
C LEU B 36 -13.92 8.11 12.23
N LEU B 37 -13.35 8.99 13.04
CA LEU B 37 -14.16 10.11 13.54
C LEU B 37 -14.63 10.95 12.29
N PHE B 43 -22.85 9.60 3.85
CA PHE B 43 -23.44 9.92 2.51
C PHE B 43 -23.15 8.90 1.43
N ARG B 44 -22.02 8.24 1.53
CA ARG B 44 -21.74 7.24 0.53
C ARG B 44 -22.67 6.06 0.82
N LEU B 45 -23.07 5.89 2.08
CA LEU B 45 -23.99 4.79 2.43
C LEU B 45 -25.35 5.10 1.86
N ASN B 46 -25.65 6.39 1.79
CA ASN B 46 -26.88 6.85 1.23
C ASN B 46 -26.94 6.37 -0.24
N LEU B 47 -25.94 6.74 -1.04
CA LEU B 47 -25.90 6.32 -2.44
C LEU B 47 -25.95 4.80 -2.58
N ILE B 48 -25.27 4.07 -1.70
CA ILE B 48 -25.33 2.61 -1.76
C ILE B 48 -26.80 2.16 -1.56
N VAL B 49 -27.41 2.68 -0.51
CA VAL B 49 -28.81 2.38 -0.15
C VAL B 49 -29.76 2.67 -1.31
N GLN B 50 -29.68 3.90 -1.82
CA GLN B 50 -30.50 4.28 -2.95
C GLN B 50 -30.31 3.31 -4.14
N ILE B 51 -29.06 3.03 -4.55
CA ILE B 51 -28.83 2.10 -5.67
C ILE B 51 -29.41 0.68 -5.40
N ASN B 52 -29.44 0.28 -4.13
CA ASN B 52 -29.91 -1.08 -3.83
C ASN B 52 -31.40 -1.23 -4.14
N ARG B 53 -32.07 -0.09 -4.34
CA ARG B 53 -33.49 -0.08 -4.61
C ARG B 53 -33.68 -0.90 -5.86
N VAL B 54 -32.71 -0.77 -6.77
CA VAL B 54 -32.72 -1.51 -8.02
C VAL B 54 -32.05 -2.88 -7.90
N MET B 55 -30.94 -2.93 -7.17
CA MET B 55 -30.16 -4.16 -7.05
C MET B 55 -30.74 -5.20 -6.10
N ASN B 56 -31.37 -4.72 -5.04
CA ASN B 56 -31.98 -5.58 -4.02
C ASN B 56 -31.11 -6.69 -3.48
N LEU B 57 -29.89 -6.36 -3.09
CA LEU B 57 -29.04 -7.37 -2.48
C LEU B 57 -29.66 -7.51 -1.09
N PRO B 58 -29.58 -8.69 -0.45
CA PRO B 58 -30.14 -8.87 0.89
C PRO B 58 -29.37 -7.96 1.84
N LYS B 59 -29.97 -7.61 2.98
CA LYS B 59 -29.32 -6.69 3.92
C LYS B 59 -27.96 -7.04 4.47
N ASP B 60 -27.74 -8.30 4.78
CA ASP B 60 -26.45 -8.70 5.30
C ASP B 60 -25.34 -8.63 4.23
N GLN B 61 -25.69 -8.81 2.97
CA GLN B 61 -24.72 -8.73 1.89
C GLN B 61 -24.45 -7.26 1.60
N LEU B 62 -25.49 -6.45 1.67
CA LEU B 62 -25.37 -5.01 1.45
C LEU B 62 -24.42 -4.47 2.54
N ALA B 63 -24.55 -4.93 3.78
CA ALA B 63 -23.64 -4.46 4.83
C ALA B 63 -22.14 -4.76 4.54
N ILE B 64 -21.84 -5.95 4.02
CA ILE B 64 -20.45 -6.29 3.71
C ILE B 64 -19.88 -5.44 2.57
N VAL B 65 -20.70 -5.14 1.55
CA VAL B 65 -20.26 -4.32 0.42
C VAL B 65 -19.95 -2.97 1.03
N SER B 66 -20.87 -2.45 1.83
CA SER B 66 -20.65 -1.17 2.48
C SER B 66 -19.35 -1.16 3.35
N GLN B 67 -19.06 -2.24 4.08
CA GLN B 67 -17.85 -2.30 4.90
C GLN B 67 -16.60 -2.31 4.01
N ILE B 68 -16.68 -3.02 2.90
CA ILE B 68 -15.58 -3.09 1.94
C ILE B 68 -15.27 -1.69 1.40
N VAL B 69 -16.32 -0.98 0.96
CA VAL B 69 -16.16 0.37 0.43
C VAL B 69 -15.64 1.31 1.51
N GLU B 70 -16.10 1.15 2.73
CA GLU B 70 -15.62 2.04 3.78
C GLU B 70 -14.10 1.82 4.06
N LEU B 71 -13.70 0.55 4.15
CA LEU B 71 -12.28 0.23 4.38
C LEU B 71 -11.37 0.80 3.28
N LEU B 72 -11.74 0.56 2.02
CA LEU B 72 -10.93 1.05 0.89
C LEU B 72 -10.90 2.56 0.83
N HIS B 73 -12.08 3.14 0.99
CA HIS B 73 -12.15 4.59 0.93
C HIS B 73 -11.33 5.25 2.06
N ASN B 74 -11.57 4.85 3.29
CA ASN B 74 -10.84 5.49 4.39
C ASN B 74 -9.32 5.23 4.26
N SER B 75 -8.94 4.02 3.84
CA SER B 75 -7.51 3.66 3.69
C SER B 75 -6.82 4.42 2.56
N SER B 76 -7.55 4.64 1.48
CA SER B 76 -7.03 5.40 0.37
C SER B 76 -6.77 6.86 0.80
N LEU B 77 -7.55 7.40 1.75
CA LEU B 77 -7.33 8.81 2.21
C LEU B 77 -6.10 8.93 3.13
N LEU B 78 -5.88 7.91 3.97
CA LEU B 78 -4.67 7.90 4.81
C LEU B 78 -3.43 7.97 3.90
N ILE B 79 -3.42 7.17 2.81
CA ILE B 79 -2.28 7.06 1.86
C ILE B 79 -2.23 8.35 1.03
N ASP B 80 -3.40 8.81 0.58
CA ASP B 80 -3.45 10.01 -0.19
C ASP B 80 -2.92 11.24 0.57
N ASP B 81 -3.23 11.36 1.87
CA ASP B 81 -2.75 12.51 2.62
C ASP B 81 -1.23 12.47 2.78
N ILE B 82 -0.66 11.27 2.84
CA ILE B 82 0.76 11.15 2.90
C ILE B 82 1.32 11.59 1.50
N GLU B 83 0.70 11.11 0.40
CA GLU B 83 1.13 11.45 -0.96
C GLU B 83 0.99 12.95 -1.27
N ASP B 84 0.01 13.59 -0.59
CA ASP B 84 -0.23 14.99 -0.81
C ASP B 84 0.29 15.89 0.32
N ASN B 85 1.06 15.32 1.22
CA ASN B 85 1.60 16.08 2.31
C ASN B 85 0.52 16.98 2.98
N ALA B 86 -0.66 16.41 3.24
CA ALA B 86 -1.76 17.18 3.81
C ALA B 86 -1.73 17.21 5.31
N PRO B 87 -1.92 18.39 5.89
CA PRO B 87 -1.92 18.55 7.35
C PRO B 87 -3.29 18.27 7.97
N LEU B 88 -4.34 18.36 7.17
CA LEU B 88 -5.69 18.18 7.70
C LEU B 88 -6.65 17.41 6.81
N ARG B 89 -7.53 16.63 7.43
CA ARG B 89 -8.56 15.83 6.76
C ARG B 89 -9.76 15.84 7.73
N ARG B 90 -10.95 16.12 7.20
CA ARG B 90 -12.17 16.18 8.03
C ARG B 90 -11.97 17.12 9.25
N GLY B 91 -11.32 18.28 9.02
CA GLY B 91 -11.06 19.27 10.07
C GLY B 91 -10.15 18.83 11.22
N GLN B 92 -9.45 17.73 11.01
CA GLN B 92 -8.59 17.15 12.03
C GLN B 92 -7.17 16.89 11.48
N THR B 93 -6.20 16.83 12.36
CA THR B 93 -4.81 16.56 11.97
C THR B 93 -4.75 15.18 11.24
N THR B 94 -4.06 15.11 10.12
CA THR B 94 -4.01 13.82 9.43
C THR B 94 -3.30 12.72 10.26
N SER B 95 -3.71 11.46 10.10
CA SER B 95 -3.07 10.36 10.85
C SER B 95 -1.54 10.28 10.79
N HIS B 96 -0.96 10.47 9.60
CA HIS B 96 0.49 10.37 9.50
C HIS B 96 1.26 11.41 10.33
N LEU B 97 0.61 12.51 10.68
CA LEU B 97 1.29 13.51 11.51
C LEU B 97 1.21 13.10 12.97
N ILE B 98 0.34 12.16 13.30
CA ILE B 98 0.23 11.71 14.67
C ILE B 98 0.97 10.40 14.91
N PHE B 99 0.73 9.41 14.05
CA PHE B 99 1.34 8.09 14.24
C PHE B 99 2.53 7.83 13.39
N GLY B 100 2.87 8.80 12.56
CA GLY B 100 3.99 8.66 11.68
C GLY B 100 3.62 8.16 10.29
N VAL B 101 4.46 8.51 9.32
CA VAL B 101 4.26 8.03 7.95
C VAL B 101 4.41 6.48 7.93
N PRO B 102 5.45 5.90 8.62
CA PRO B 102 5.61 4.43 8.57
C PRO B 102 4.38 3.65 8.96
N SER B 103 3.89 3.93 10.17
CA SER B 103 2.71 3.20 10.69
C SER B 103 1.48 3.42 9.81
N THR B 104 1.27 4.67 9.38
CA THR B 104 0.10 4.99 8.55
C THR B 104 0.11 4.28 7.18
N ILE B 105 1.25 4.18 6.51
CA ILE B 105 1.34 3.47 5.21
C ILE B 105 0.98 2.01 5.45
N ASN B 106 1.63 1.41 6.44
CA ASN B 106 1.42 -0.02 6.69
C ASN B 106 -0.04 -0.32 7.10
N THR B 107 -0.61 0.52 7.95
CA THR B 107 -1.96 0.29 8.40
C THR B 107 -2.92 0.42 7.24
N ALA B 108 -2.72 1.41 6.39
CA ALA B 108 -3.63 1.60 5.22
C ALA B 108 -3.55 0.43 4.27
N ASN B 109 -2.33 0.00 3.99
CA ASN B 109 -2.09 -1.13 3.12
C ASN B 109 -2.77 -2.38 3.72
N TYR B 110 -2.63 -2.56 5.04
CA TYR B 110 -3.23 -3.69 5.72
C TYR B 110 -4.75 -3.70 5.53
N MET B 111 -5.41 -2.55 5.61
CA MET B 111 -6.87 -2.51 5.39
C MET B 111 -7.28 -2.84 3.97
N TYR B 112 -6.38 -2.65 3.00
CA TYR B 112 -6.71 -3.01 1.62
C TYR B 112 -6.97 -4.51 1.60
N PHE B 113 -6.13 -5.24 2.33
CA PHE B 113 -6.22 -6.69 2.32
C PHE B 113 -7.31 -7.24 3.22
N ARG B 114 -7.67 -6.45 4.23
CA ARG B 114 -8.78 -6.84 5.10
C ARG B 114 -10.00 -6.68 4.22
N ALA B 115 -10.01 -5.64 3.41
CA ALA B 115 -11.16 -5.40 2.53
C ALA B 115 -11.24 -6.57 1.54
N MET B 116 -10.09 -6.99 1.04
CA MET B 116 -10.03 -8.10 0.12
C MET B 116 -10.64 -9.37 0.75
N GLN B 117 -10.36 -9.59 2.04
CA GLN B 117 -10.88 -10.77 2.72
C GLN B 117 -12.41 -10.72 2.88
N LEU B 118 -12.98 -9.52 3.00
CA LEU B 118 -14.43 -9.40 3.10
C LEU B 118 -15.12 -9.78 1.77
N VAL B 119 -14.40 -9.64 0.66
CA VAL B 119 -14.99 -10.03 -0.60
C VAL B 119 -15.41 -11.51 -0.54
N SER B 120 -14.52 -12.36 0.01
CA SER B 120 -14.75 -13.81 0.10
C SER B 120 -16.02 -14.15 0.83
N GLN B 121 -16.41 -13.29 1.75
CA GLN B 121 -17.61 -13.56 2.49
C GLN B 121 -18.87 -13.06 1.85
N LEU B 122 -18.78 -12.52 0.63
CA LEU B 122 -19.98 -12.04 -0.07
C LEU B 122 -20.75 -13.24 -0.65
N THR B 123 -20.04 -14.29 -1.02
CA THR B 123 -20.69 -15.47 -1.62
C THR B 123 -19.74 -16.63 -1.53
N THR B 124 -20.27 -17.85 -1.59
CA THR B 124 -19.38 -18.99 -1.64
C THR B 124 -19.54 -19.62 -3.02
N LYS B 125 -20.45 -19.08 -3.85
CA LYS B 125 -20.61 -19.66 -5.20
C LYS B 125 -19.29 -19.41 -5.90
N GLU B 126 -18.65 -20.48 -6.35
CA GLU B 126 -17.29 -20.35 -6.92
C GLU B 126 -17.09 -19.51 -8.16
N PRO B 127 -18.05 -19.56 -9.11
CA PRO B 127 -17.92 -18.75 -10.34
C PRO B 127 -18.01 -17.25 -9.96
N LEU B 128 -19.12 -16.91 -9.32
CA LEU B 128 -19.42 -15.58 -8.83
C LEU B 128 -18.27 -14.96 -7.97
N TYR B 129 -17.68 -15.77 -7.10
CA TYR B 129 -16.58 -15.32 -6.26
C TYR B 129 -15.40 -14.85 -7.14
N HIS B 130 -15.04 -15.66 -8.13
CA HIS B 130 -13.98 -15.29 -9.03
C HIS B 130 -14.28 -13.94 -9.71
N ASN B 131 -15.53 -13.77 -10.16
CA ASN B 131 -15.95 -12.54 -10.80
C ASN B 131 -15.77 -11.37 -9.82
N LEU B 132 -16.25 -11.55 -8.59
CA LEU B 132 -16.14 -10.53 -7.54
C LEU B 132 -14.66 -10.15 -7.30
N ILE B 133 -13.82 -11.17 -7.19
CA ILE B 133 -12.42 -10.95 -6.97
C ILE B 133 -11.79 -10.20 -8.13
N THR B 134 -12.13 -10.59 -9.36
CA THR B 134 -11.63 -9.91 -10.52
C THR B 134 -12.07 -8.43 -10.53
N ILE B 135 -13.31 -8.15 -10.12
CA ILE B 135 -13.82 -6.78 -10.09
C ILE B 135 -12.98 -5.96 -9.07
N PHE B 136 -12.77 -6.53 -7.89
CA PHE B 136 -11.98 -5.89 -6.86
C PHE B 136 -10.57 -5.65 -7.44
N ASN B 137 -9.97 -6.69 -8.00
CA ASN B 137 -8.60 -6.55 -8.54
C ASN B 137 -8.49 -5.49 -9.66
N GLU B 138 -9.35 -5.54 -10.68
CA GLU B 138 -9.30 -4.55 -11.78
C GLU B 138 -9.50 -3.10 -11.26
N GLU B 139 -10.46 -2.85 -10.36
CA GLU B 139 -10.64 -1.46 -9.92
C GLU B 139 -9.53 -0.99 -9.00
N LEU B 140 -8.92 -1.88 -8.21
CA LEU B 140 -7.78 -1.44 -7.38
C LEU B 140 -6.64 -1.08 -8.34
N ILE B 141 -6.46 -1.88 -9.41
CA ILE B 141 -5.46 -1.54 -10.42
C ILE B 141 -5.69 -0.13 -11.04
N ASN B 142 -6.93 0.13 -11.46
CA ASN B 142 -7.32 1.39 -12.07
C ASN B 142 -7.10 2.57 -11.10
N LEU B 143 -7.50 2.40 -9.83
CA LEU B 143 -7.34 3.51 -8.87
C LEU B 143 -5.87 3.85 -8.76
N HIS B 144 -4.99 2.84 -8.69
CA HIS B 144 -3.56 3.12 -8.58
C HIS B 144 -2.93 3.73 -9.82
N ARG B 145 -3.39 3.31 -11.00
CA ARG B 145 -2.93 3.89 -12.24
C ARG B 145 -3.34 5.36 -12.29
N GLY B 146 -4.59 5.65 -11.92
CA GLY B 146 -5.06 7.03 -11.95
C GLY B 146 -4.28 7.91 -10.94
N GLN B 147 -4.15 7.39 -9.72
CA GLN B 147 -3.40 8.11 -8.68
C GLN B 147 -1.96 8.28 -9.19
N GLY B 148 -1.41 7.23 -9.77
CA GLY B 148 -0.05 7.30 -10.24
C GLY B 148 0.22 8.40 -11.25
N LEU B 149 -0.71 8.57 -12.16
CA LEU B 149 -0.60 9.57 -13.20
C LEU B 149 -0.81 10.96 -12.61
N ASP B 150 -1.76 11.09 -11.67
CA ASP B 150 -2.03 12.39 -11.07
C ASP B 150 -0.75 12.85 -10.28
N ILE B 151 -0.12 11.90 -9.59
CA ILE B 151 1.08 12.18 -8.83
C ILE B 151 2.22 12.47 -9.77
N TYR B 152 2.31 11.70 -10.84
CA TYR B 152 3.39 11.93 -11.78
C TYR B 152 3.36 13.36 -12.35
N TRP B 153 2.20 13.80 -12.85
CA TRP B 153 2.11 15.14 -13.44
C TRP B 153 2.53 16.22 -12.44
N ARG B 154 2.03 16.10 -11.20
CA ARG B 154 2.37 17.04 -10.14
C ARG B 154 3.87 17.05 -9.78
N ASP B 155 4.46 15.88 -9.59
CA ASP B 155 5.87 15.84 -9.20
C ASP B 155 6.90 16.01 -10.33
N PHE B 156 6.47 15.92 -11.56
CA PHE B 156 7.40 16.13 -12.65
C PHE B 156 7.10 17.47 -13.32
N LEU B 157 6.07 18.19 -12.88
CA LEU B 157 5.75 19.49 -13.50
C LEU B 157 7.10 20.27 -13.44
N PRO B 158 7.45 21.05 -14.49
CA PRO B 158 6.64 21.22 -15.69
C PRO B 158 7.00 20.35 -16.87
N GLU B 159 7.39 19.09 -16.64
CA GLU B 159 7.75 18.24 -17.78
C GLU B 159 6.54 17.96 -18.67
N ILE B 160 5.40 17.68 -18.06
CA ILE B 160 4.20 17.36 -18.77
C ILE B 160 3.01 18.20 -18.31
N ILE B 161 2.39 18.90 -19.22
CA ILE B 161 1.17 19.59 -18.86
C ILE B 161 0.00 18.86 -19.56
N PRO B 162 -0.82 18.15 -18.79
CA PRO B 162 -1.94 17.42 -19.38
C PRO B 162 -3.00 18.32 -20.04
N THR B 163 -3.65 17.76 -21.05
CA THR B 163 -4.74 18.44 -21.69
C THR B 163 -5.98 18.02 -20.89
N GLN B 164 -7.12 18.61 -21.23
CA GLN B 164 -8.38 18.28 -20.60
C GLN B 164 -8.70 16.79 -20.83
N GLU B 165 -8.49 16.32 -22.07
CA GLU B 165 -8.77 14.91 -22.35
C GLU B 165 -7.93 13.98 -21.47
N MET B 166 -6.65 14.30 -21.31
CA MET B 166 -5.75 13.48 -20.49
C MET B 166 -6.25 13.47 -19.04
N TYR B 167 -6.64 14.65 -18.53
CA TYR B 167 -7.14 14.76 -17.17
C TYR B 167 -8.37 13.89 -16.99
N LEU B 168 -9.30 13.96 -17.95
CA LEU B 168 -10.51 13.14 -17.80
C LEU B 168 -10.20 11.63 -17.80
N ASN B 169 -9.24 11.15 -18.60
CA ASN B 169 -8.89 9.73 -18.54
C ASN B 169 -8.26 9.44 -17.14
N MET B 170 -7.44 10.35 -16.63
CA MET B 170 -6.87 10.15 -15.27
C MET B 170 -8.01 9.97 -14.26
N VAL B 171 -8.97 10.89 -14.28
CA VAL B 171 -10.15 10.83 -13.40
C VAL B 171 -10.94 9.51 -13.60
N MET B 172 -11.09 9.02 -14.83
CA MET B 172 -11.84 7.76 -15.01
C MET B 172 -11.19 6.62 -14.22
N ASN B 173 -9.86 6.60 -14.20
CA ASN B 173 -9.15 5.57 -13.44
C ASN B 173 -9.20 5.90 -11.93
N LYS B 174 -8.79 7.11 -11.58
CA LYS B 174 -8.68 7.52 -10.19
C LYS B 174 -9.97 7.63 -9.35
N THR B 175 -10.93 8.43 -9.80
CA THR B 175 -12.18 8.62 -9.07
C THR B 175 -13.24 7.54 -9.46
N GLY B 176 -13.28 7.17 -10.74
CA GLY B 176 -14.22 6.15 -11.22
C GLY B 176 -13.96 4.80 -10.59
N GLY B 177 -12.73 4.58 -10.13
CA GLY B 177 -12.38 3.33 -9.47
C GLY B 177 -13.27 2.87 -8.32
N LEU B 178 -13.43 3.64 -7.25
CA LEU B 178 -14.29 3.14 -6.19
C LEU B 178 -15.78 3.16 -6.55
N PHE B 179 -16.19 4.15 -7.34
CA PHE B 179 -17.60 4.21 -7.75
C PHE B 179 -17.94 2.93 -8.53
N ARG B 180 -17.11 2.60 -9.52
CA ARG B 180 -17.29 1.40 -10.33
C ARG B 180 -17.14 0.13 -9.49
N LEU B 181 -16.17 0.10 -8.58
CA LEU B 181 -15.99 -1.05 -7.74
C LEU B 181 -17.30 -1.34 -6.99
N THR B 182 -17.86 -0.34 -6.34
CA THR B 182 -19.10 -0.53 -5.60
C THR B 182 -20.26 -1.01 -6.50
N LEU B 183 -20.49 -0.27 -7.57
CA LEU B 183 -21.58 -0.58 -8.46
C LEU B 183 -21.43 -1.97 -9.09
N ARG B 184 -20.23 -2.27 -9.57
CA ARG B 184 -19.98 -3.53 -10.23
C ARG B 184 -20.20 -4.73 -9.33
N LEU B 185 -19.84 -4.61 -8.07
CA LEU B 185 -20.05 -5.70 -7.15
C LEU B 185 -21.55 -5.84 -6.88
N MET B 186 -22.25 -4.72 -6.65
CA MET B 186 -23.70 -4.82 -6.32
C MET B 186 -24.43 -5.43 -7.52
N GLU B 187 -24.02 -5.02 -8.72
CA GLU B 187 -24.61 -5.54 -9.93
C GLU B 187 -24.32 -7.00 -10.06
N ALA B 188 -23.08 -7.44 -9.80
CA ALA B 188 -22.77 -8.88 -9.95
C ALA B 188 -23.57 -9.70 -8.94
N LEU B 189 -23.84 -9.12 -7.79
CA LEU B 189 -24.56 -9.84 -6.74
C LEU B 189 -26.11 -9.71 -6.83
N SER B 190 -26.61 -8.84 -7.70
CA SER B 190 -28.04 -8.63 -7.77
C SER B 190 -28.94 -9.87 -7.96
N PRO B 191 -29.90 -10.09 -7.02
CA PRO B 191 -30.79 -11.24 -7.16
C PRO B 191 -31.88 -10.88 -8.20
N SER B 192 -32.11 -9.58 -8.44
CA SER B 192 -33.11 -9.15 -9.44
C SER B 192 -32.78 -9.78 -10.78
N HIS B 197 -30.56 -1.77 -17.85
CA HIS B 197 -29.19 -1.50 -18.37
C HIS B 197 -28.22 -1.29 -17.21
N SER B 198 -26.95 -1.66 -17.41
CA SER B 198 -25.93 -1.47 -16.38
C SER B 198 -25.84 0.01 -16.04
N LEU B 199 -25.72 0.34 -14.75
CA LEU B 199 -25.61 1.73 -14.33
C LEU B 199 -24.14 2.24 -14.27
N VAL B 200 -23.23 1.48 -14.87
CA VAL B 200 -21.82 1.90 -14.85
C VAL B 200 -21.55 3.26 -15.52
N PRO B 201 -22.13 3.50 -16.73
CA PRO B 201 -21.93 4.78 -17.42
C PRO B 201 -22.33 5.93 -16.51
N PHE B 202 -23.46 5.74 -15.85
CA PHE B 202 -23.94 6.77 -14.94
C PHE B 202 -22.97 6.94 -13.76
N ILE B 203 -22.50 5.83 -13.19
CA ILE B 203 -21.59 5.98 -12.06
C ILE B 203 -20.24 6.61 -12.51
N ASN B 204 -19.86 6.43 -13.76
CA ASN B 204 -18.64 7.04 -14.26
C ASN B 204 -18.81 8.56 -14.29
N LEU B 205 -19.97 8.99 -14.79
CA LEU B 205 -20.29 10.42 -14.93
C LEU B 205 -20.35 11.06 -13.55
N LEU B 206 -20.97 10.34 -12.65
CA LEU B 206 -21.10 10.78 -11.28
C LEU B 206 -19.66 11.06 -10.76
N GLY B 207 -18.78 10.07 -10.93
CA GLY B 207 -17.39 10.15 -10.49
C GLY B 207 -16.68 11.33 -11.11
N ILE B 208 -16.87 11.56 -12.41
CA ILE B 208 -16.24 12.69 -13.08
C ILE B 208 -16.76 14.04 -12.52
N ILE B 209 -18.07 14.14 -12.36
CA ILE B 209 -18.68 15.37 -11.78
C ILE B 209 -18.09 15.62 -10.40
N TYR B 210 -18.09 14.55 -9.63
CA TYR B 210 -17.61 14.63 -8.30
C TYR B 210 -16.17 15.17 -8.23
N GLN B 211 -15.31 14.65 -9.11
CA GLN B 211 -13.92 15.07 -9.04
C GLN B 211 -13.75 16.51 -9.52
N ILE B 212 -14.51 16.90 -10.55
CA ILE B 212 -14.31 18.27 -11.02
C ILE B 212 -14.86 19.25 -9.99
N ARG B 213 -15.96 18.86 -9.36
CA ARG B 213 -16.63 19.68 -8.34
C ARG B 213 -15.63 19.86 -7.19
N ASP B 214 -14.96 18.79 -6.83
CA ASP B 214 -13.97 18.87 -5.78
C ASP B 214 -12.88 19.88 -6.09
N ASP B 215 -12.28 19.79 -7.31
CA ASP B 215 -11.22 20.72 -7.75
C ASP B 215 -11.74 22.15 -7.78
N TYR B 216 -12.98 22.28 -8.24
CA TYR B 216 -13.60 23.60 -8.32
C TYR B 216 -13.75 24.21 -6.90
N LEU B 217 -14.42 23.50 -5.98
CA LEU B 217 -14.63 23.97 -4.59
C LEU B 217 -13.35 24.25 -3.78
N ASN B 218 -12.30 23.48 -4.04
CA ASN B 218 -11.03 23.73 -3.36
C ASN B 218 -10.59 25.21 -3.55
N LEU B 219 -10.79 25.76 -4.75
CA LEU B 219 -10.42 27.13 -5.06
C LEU B 219 -11.52 28.12 -4.70
N LYS B 220 -12.76 27.77 -5.07
CA LYS B 220 -13.94 28.61 -4.82
C LYS B 220 -14.19 28.82 -3.32
N ASP B 221 -14.13 27.78 -2.50
CA ASP B 221 -14.32 27.99 -1.05
C ASP B 221 -13.30 28.99 -0.49
N PHE B 222 -12.04 28.94 -0.97
CA PHE B 222 -10.99 29.82 -0.49
C PHE B 222 -11.34 31.28 -0.89
N GLN B 223 -11.66 31.45 -2.17
CA GLN B 223 -12.06 32.73 -2.74
C GLN B 223 -13.40 33.08 -2.02
N PHE B 230 -9.06 26.96 2.40
CA PHE B 230 -7.56 26.87 2.31
C PHE B 230 -6.91 26.74 0.89
N ALA B 231 -7.64 26.20 -0.09
CA ALA B 231 -7.10 26.04 -1.47
C ALA B 231 -5.80 25.20 -1.39
N GLU B 232 -5.86 24.11 -0.62
CA GLU B 232 -4.69 23.22 -0.41
C GLU B 232 -4.18 22.65 -1.73
N ASP B 233 -5.07 22.55 -2.73
CA ASP B 233 -4.67 22.04 -4.02
C ASP B 233 -3.55 22.86 -4.66
N ILE B 234 -3.49 24.15 -4.34
CA ILE B 234 -2.48 25.04 -4.87
C ILE B 234 -1.16 24.71 -4.17
N THR B 235 -1.23 24.63 -2.84
CA THR B 235 -0.07 24.27 -2.04
C THR B 235 0.51 22.92 -2.48
N GLU B 236 -0.39 21.98 -2.80
CA GLU B 236 0.01 20.66 -3.20
C GLU B 236 0.59 20.71 -4.63
N GLY B 237 0.14 21.68 -5.42
CA GLY B 237 0.63 21.83 -6.79
C GLY B 237 0.02 20.87 -7.81
N LYS B 238 -1.20 20.39 -7.54
CA LYS B 238 -1.83 19.42 -8.43
C LYS B 238 -2.42 19.97 -9.74
N LEU B 239 -2.43 19.14 -10.79
CA LEU B 239 -3.00 19.55 -12.09
C LEU B 239 -4.52 19.39 -12.00
N SER B 240 -5.16 20.28 -11.25
CA SER B 240 -6.60 20.24 -11.07
C SER B 240 -7.29 20.67 -12.36
N PHE B 241 -8.58 20.43 -12.46
CA PHE B 241 -9.32 20.81 -13.67
C PHE B 241 -9.20 22.30 -14.06
N PRO B 242 -9.36 23.25 -13.10
CA PRO B 242 -9.24 24.69 -13.47
C PRO B 242 -7.78 25.08 -13.88
N ILE B 243 -6.80 24.41 -13.29
CA ILE B 243 -5.40 24.68 -13.55
C ILE B 243 -5.04 24.16 -14.94
N VAL B 244 -5.58 22.97 -15.27
CA VAL B 244 -5.33 22.36 -16.59
C VAL B 244 -5.96 23.31 -17.65
N HIS B 245 -7.16 23.83 -17.33
CA HIS B 245 -7.80 24.74 -18.26
C HIS B 245 -6.95 25.97 -18.40
N ALA B 246 -6.50 26.53 -17.28
CA ALA B 246 -5.69 27.75 -17.30
C ALA B 246 -4.35 27.59 -18.07
N LEU B 247 -3.67 26.47 -17.85
CA LEU B 247 -2.39 26.24 -18.52
C LEU B 247 -2.57 26.09 -20.03
N ASN B 248 -3.55 25.29 -20.43
CA ASN B 248 -3.78 25.12 -21.86
C ASN B 248 -4.33 26.43 -22.54
N PHE B 249 -5.12 27.22 -21.82
CA PHE B 249 -5.68 28.46 -22.36
C PHE B 249 -4.56 29.49 -22.64
N THR B 250 -3.65 29.65 -21.68
CA THR B 250 -2.58 30.60 -21.82
C THR B 250 -1.62 30.16 -22.89
N LYS B 251 -1.33 28.88 -22.95
CA LYS B 251 -0.45 28.36 -23.98
C LYS B 251 -1.11 28.63 -25.35
N THR B 252 -2.37 28.33 -25.49
CA THR B 252 -3.04 28.52 -26.77
C THR B 252 -3.14 30.00 -27.22
N LYS B 253 -3.36 30.89 -26.28
CA LYS B 253 -3.45 32.31 -26.59
C LYS B 253 -2.06 32.98 -26.64
N GLY B 254 -0.98 32.20 -26.51
CA GLY B 254 0.37 32.75 -26.53
C GLY B 254 0.72 33.69 -25.39
N GLN B 255 -0.02 33.60 -24.28
CA GLN B 255 0.16 34.40 -23.06
C GLN B 255 1.30 33.79 -22.19
N THR B 256 2.50 33.86 -22.72
CA THR B 256 3.65 33.33 -22.06
C THR B 256 3.82 33.68 -20.59
N GLU B 257 3.88 34.96 -20.25
CA GLU B 257 4.05 35.35 -18.86
C GLU B 257 3.04 34.76 -17.88
N GLN B 258 1.76 34.75 -18.26
CA GLN B 258 0.72 34.20 -17.40
C GLN B 258 0.87 32.69 -17.28
N HIS B 259 1.25 32.05 -18.40
CA HIS B 259 1.47 30.61 -18.40
C HIS B 259 2.59 30.31 -17.38
N ASN B 260 3.72 31.03 -17.48
CA ASN B 260 4.82 30.81 -16.58
C ASN B 260 4.51 31.19 -15.11
N GLU B 261 3.72 32.22 -14.90
CA GLU B 261 3.43 32.63 -13.53
C GLU B 261 2.59 31.52 -12.88
N ILE B 262 1.67 30.88 -13.62
CA ILE B 262 0.85 29.80 -13.05
C ILE B 262 1.79 28.67 -12.61
N LEU B 263 2.70 28.31 -13.51
CA LEU B 263 3.69 27.27 -13.21
C LEU B 263 4.53 27.60 -11.99
N ARG B 264 5.00 28.85 -11.91
CA ARG B 264 5.83 29.27 -10.78
C ARG B 264 5.09 29.14 -9.46
N ILE B 265 3.81 29.55 -9.41
CA ILE B 265 3.11 29.47 -8.15
C ILE B 265 2.89 27.99 -7.71
N LEU B 266 2.40 27.13 -8.62
CA LEU B 266 2.21 25.69 -8.33
C LEU B 266 3.54 25.10 -7.81
N LEU B 267 4.65 25.46 -8.46
CA LEU B 267 5.98 24.95 -8.07
C LEU B 267 6.49 25.43 -6.73
N LEU B 268 5.99 26.57 -6.28
CA LEU B 268 6.32 27.12 -4.98
C LEU B 268 5.87 26.22 -3.83
N ARG B 269 4.83 25.42 -4.06
CA ARG B 269 4.23 24.57 -2.98
C ARG B 269 3.98 25.55 -1.79
N THR B 270 3.39 26.67 -2.10
CA THR B 270 3.18 27.68 -1.09
C THR B 270 1.94 27.53 -0.20
N SER B 271 2.12 27.97 1.04
CA SER B 271 1.06 28.06 2.03
C SER B 271 0.66 29.54 2.17
N ASP B 272 1.38 30.43 1.49
CA ASP B 272 1.09 31.88 1.57
C ASP B 272 -0.25 32.32 0.94
N LYS B 273 -1.18 32.72 1.78
CA LYS B 273 -2.51 33.16 1.39
C LYS B 273 -2.51 34.18 0.21
N ASP B 274 -1.66 35.19 0.31
CA ASP B 274 -1.55 36.24 -0.72
C ASP B 274 -1.15 35.68 -2.12
N ILE B 275 -0.20 34.71 -2.14
CA ILE B 275 0.23 34.08 -3.37
C ILE B 275 -0.85 33.16 -3.90
N LYS B 276 -1.53 32.46 -3.00
CA LYS B 276 -2.60 31.59 -3.45
C LYS B 276 -3.70 32.45 -4.07
N LEU B 277 -3.97 33.61 -3.45
CA LEU B 277 -4.97 34.54 -3.96
C LEU B 277 -4.51 35.07 -5.34
N LYS B 278 -3.23 35.36 -5.48
CA LYS B 278 -2.73 35.81 -6.80
C LYS B 278 -3.03 34.78 -7.91
N LEU B 279 -2.78 33.50 -7.65
CA LEU B 279 -3.06 32.49 -8.68
C LEU B 279 -4.60 32.45 -8.92
N ILE B 280 -5.41 32.55 -7.88
CA ILE B 280 -6.84 32.56 -8.14
C ILE B 280 -7.22 33.79 -9.02
N GLN B 281 -6.54 34.93 -8.85
CA GLN B 281 -6.81 36.10 -9.67
C GLN B 281 -6.47 35.83 -11.14
N ILE B 282 -5.42 35.06 -11.37
CA ILE B 282 -5.06 34.76 -12.74
C ILE B 282 -6.20 33.91 -13.31
N LEU B 283 -6.70 32.95 -12.55
CA LEU B 283 -7.77 32.12 -13.08
C LEU B 283 -9.10 32.85 -13.23
N GLU B 284 -9.32 33.88 -12.43
CA GLU B 284 -10.58 34.59 -12.53
C GLU B 284 -10.55 35.68 -13.63
N PHE B 285 -9.49 36.46 -13.68
CA PHE B 285 -9.35 37.56 -14.63
C PHE B 285 -8.62 37.26 -15.94
N ASP B 286 -7.63 36.37 -15.98
CA ASP B 286 -6.96 36.14 -17.27
C ASP B 286 -7.63 35.06 -18.08
N THR B 287 -7.75 33.89 -17.49
CA THR B 287 -8.28 32.71 -18.19
C THR B 287 -9.75 32.41 -17.94
N ASN B 288 -10.33 32.99 -16.90
CA ASN B 288 -11.75 32.73 -16.55
C ASN B 288 -11.99 31.23 -16.40
N SER B 289 -11.00 30.55 -15.85
CA SER B 289 -11.05 29.09 -15.64
C SER B 289 -12.10 28.67 -14.63
N LEU B 290 -12.38 29.48 -13.62
CA LEU B 290 -13.37 29.07 -12.61
C LEU B 290 -14.79 29.04 -13.21
N ALA B 291 -15.12 30.06 -13.99
CA ALA B 291 -16.44 30.09 -14.70
C ALA B 291 -16.43 28.95 -15.73
N TYR B 292 -15.31 28.75 -16.41
CA TYR B 292 -15.21 27.64 -17.38
C TYR B 292 -15.58 26.32 -16.68
N THR B 293 -15.02 26.11 -15.52
CA THR B 293 -15.27 24.86 -14.76
C THR B 293 -16.73 24.74 -14.24
N LYS B 294 -17.28 25.87 -13.80
CA LYS B 294 -18.64 25.88 -13.26
C LYS B 294 -19.52 25.40 -14.40
N ASN B 295 -19.30 26.02 -15.55
CA ASN B 295 -20.07 25.71 -16.73
C ASN B 295 -19.92 24.26 -17.13
N PHE B 296 -18.69 23.76 -17.06
CA PHE B 296 -18.42 22.38 -17.43
C PHE B 296 -19.22 21.44 -16.51
N ILE B 297 -19.14 21.66 -15.19
CA ILE B 297 -19.88 20.83 -14.23
C ILE B 297 -21.41 20.88 -14.59
N ASN B 298 -21.97 22.07 -14.83
CA ASN B 298 -23.40 22.19 -15.20
C ASN B 298 -23.70 21.38 -16.46
N GLN B 299 -22.87 21.48 -17.48
CA GLN B 299 -23.14 20.68 -18.67
C GLN B 299 -23.18 19.18 -18.32
N LEU B 300 -22.24 18.72 -17.48
CA LEU B 300 -22.19 17.29 -17.10
C LEU B 300 -23.48 16.94 -16.38
N VAL B 301 -23.86 17.78 -15.41
CA VAL B 301 -25.06 17.54 -14.61
C VAL B 301 -26.34 17.56 -15.52
N ASN B 302 -26.39 18.48 -16.49
CA ASN B 302 -27.54 18.52 -17.41
C ASN B 302 -27.70 17.21 -18.24
N MET B 303 -26.59 16.49 -18.47
CA MET B 303 -26.68 15.22 -19.20
C MET B 303 -27.52 14.26 -18.39
N ILE B 304 -27.61 14.50 -17.09
CA ILE B 304 -28.40 13.62 -16.25
C ILE B 304 -29.81 14.20 -16.13
N LYS B 305 -29.89 15.48 -15.81
CA LYS B 305 -31.17 16.17 -15.67
C LYS B 305 -32.04 16.12 -16.92
N ASN B 306 -31.42 16.10 -18.09
CA ASN B 306 -32.17 16.06 -19.34
C ASN B 306 -32.24 14.66 -19.93
N ASP B 307 -31.97 13.64 -19.11
CA ASP B 307 -31.98 12.25 -19.59
C ASP B 307 -33.41 11.64 -19.50
N ASN B 308 -34.35 12.29 -20.19
CA ASN B 308 -35.75 11.90 -20.17
C ASN B 308 -35.95 10.47 -20.63
N GLU B 309 -35.12 10.05 -21.56
CA GLU B 309 -35.24 8.69 -22.06
C GLU B 309 -34.52 7.65 -21.14
N ASN B 310 -34.03 8.12 -19.99
CA ASN B 310 -33.33 7.25 -19.05
C ASN B 310 -32.26 6.42 -19.73
N LYS B 311 -31.39 7.08 -20.48
CA LYS B 311 -30.32 6.38 -21.13
C LYS B 311 -29.22 6.06 -20.09
N TYR B 312 -29.08 6.91 -19.08
CA TYR B 312 -28.05 6.77 -18.03
C TYR B 312 -28.72 6.42 -16.71
N LEU B 313 -29.82 7.11 -16.42
CA LEU B 313 -30.63 6.90 -15.22
C LEU B 313 -31.33 5.53 -15.28
N PRO B 314 -31.71 4.98 -14.11
CA PRO B 314 -32.38 3.68 -14.22
C PRO B 314 -33.71 3.86 -14.94
#